data_2IV8
#
_entry.id   2IV8
#
_cell.length_a   36.952
_cell.length_b   35.484
_cell.length_c   190.624
_cell.angle_alpha   90.00
_cell.angle_beta   90.00
_cell.angle_gamma   90.00
#
_symmetry.space_group_name_H-M   'P 21 21 21'
#
loop_
_entity.id
_entity.type
_entity.pdbx_description
1 polymer 'AP-2 COMPLEX SUBUNIT BETA-1'
2 polymer BETA-ARRESTIN-1
3 water water
#
loop_
_entity_poly.entity_id
_entity_poly.type
_entity_poly.pdbx_seq_one_letter_code
_entity_poly.pdbx_strand_id
1 'polypeptide(L)'
;IGMAPGGYVAPKAVWLPAVKAKGLEISGTFTHRQGHIYMEMNFTNKALQHMTDFAIQFNKNSFGVIPSTPLAIHTPLMPN
QSIDVSLPLNTLGPVMKMEPLNNLQVAVKNNIDVFYFSCLIPLNVLFVEDGKMERQVFLATWKDIPNENELQFQIKECHL
NADTVSSKLQNNNVYTIAKRNVEGQDMLYQSLKLTNGIWILAELRIQPGNPNYTLSLKCRAPEVSQYIYQVYDSILKN
;
A
2 'polypeptide(L)' DDDIVFEDFARQRLKGMKDD P,Q
#
# COMPACT_ATOMS: atom_id res chain seq x y z
N GLY A 6 -5.84 -8.26 10.81
CA GLY A 6 -6.96 -7.66 10.05
C GLY A 6 -6.74 -6.35 9.29
N GLY A 7 -5.92 -6.38 8.22
CA GLY A 7 -5.60 -5.17 7.38
C GLY A 7 -6.65 -4.74 6.34
N TYR A 8 -6.34 -3.77 5.47
CA TYR A 8 -7.30 -3.40 4.43
C TYR A 8 -6.93 -4.05 3.11
N VAL A 9 -7.86 -4.81 2.55
CA VAL A 9 -7.51 -5.48 1.32
C VAL A 9 -8.46 -5.09 0.22
N ALA A 10 -7.91 -4.74 -0.94
CA ALA A 10 -8.72 -4.33 -2.11
C ALA A 10 -9.50 -5.53 -2.70
N PRO A 11 -10.75 -5.29 -3.15
CA PRO A 11 -11.30 -6.52 -3.75
C PRO A 11 -10.43 -6.97 -4.93
N LYS A 12 -10.69 -8.23 -5.31
CA LYS A 12 -10.04 -8.86 -6.44
C LYS A 12 -10.42 -8.10 -7.71
N ALA A 13 -9.41 -7.82 -8.50
CA ALA A 13 -9.59 -7.08 -9.69
C ALA A 13 -9.05 -7.94 -10.78
N VAL A 14 -9.67 -7.84 -11.93
CA VAL A 14 -9.42 -8.74 -13.02
C VAL A 14 -8.06 -8.39 -13.64
N TRP A 15 -6.96 -8.97 -13.19
CA TRP A 15 -5.65 -8.53 -13.75
C TRP A 15 -5.40 -8.84 -15.22
N LEU A 16 -5.91 -9.97 -15.69
CA LEU A 16 -5.65 -10.53 -17.06
C LEU A 16 -6.85 -11.33 -17.48
N PRO A 17 -7.69 -10.77 -18.35
CA PRO A 17 -8.96 -11.42 -18.62
C PRO A 17 -8.79 -12.47 -19.71
N ALA A 18 -9.47 -13.59 -19.54
CA ALA A 18 -9.43 -14.71 -20.47
C ALA A 18 -9.17 -14.26 -21.89
N VAL A 19 -9.90 -13.23 -22.34
CA VAL A 19 -9.92 -12.77 -23.74
C VAL A 19 -8.56 -12.42 -24.28
N LYS A 20 -7.59 -12.31 -23.37
CA LYS A 20 -6.24 -11.86 -23.65
C LYS A 20 -5.16 -12.95 -23.47
N ALA A 21 -5.46 -13.95 -22.66
CA ALA A 21 -4.52 -15.03 -22.30
C ALA A 21 -5.03 -16.42 -22.64
N LYS A 22 -5.86 -16.47 -23.68
CA LYS A 22 -6.29 -17.72 -24.30
C LYS A 22 -7.16 -18.60 -23.41
N GLY A 23 -8.05 -17.97 -22.64
CA GLY A 23 -8.89 -18.69 -21.67
C GLY A 23 -8.45 -18.60 -20.20
N LEU A 24 -7.19 -18.26 -19.96
CA LEU A 24 -6.68 -18.05 -18.58
C LEU A 24 -7.12 -16.73 -18.09
N GLU A 25 -7.86 -16.74 -17.03
CA GLU A 25 -8.27 -15.49 -16.40
C GLU A 25 -7.82 -15.34 -14.97
N ILE A 26 -7.46 -14.12 -14.62
CA ILE A 26 -6.79 -13.87 -13.34
C ILE A 26 -7.47 -12.71 -12.59
N SER A 27 -7.85 -12.98 -11.34
CA SER A 27 -8.39 -11.97 -10.44
C SER A 27 -7.28 -11.75 -9.40
N GLY A 28 -7.10 -10.51 -8.93
CA GLY A 28 -6.03 -10.18 -8.05
C GLY A 28 -6.28 -9.10 -7.02
N THR A 29 -5.34 -9.08 -6.08
CA THR A 29 -5.43 -8.28 -4.86
C THR A 29 -4.13 -8.59 -4.12
N PHE A 30 -3.50 -7.60 -3.50
CA PHE A 30 -2.34 -7.87 -2.65
C PHE A 30 -2.77 -7.85 -1.20
N THR A 31 -2.12 -8.64 -0.33
CA THR A 31 -2.37 -8.58 1.14
C THR A 31 -1.09 -8.45 1.98
N HIS A 32 -1.20 -7.74 3.11
CA HIS A 32 -0.12 -7.63 4.09
C HIS A 32 -0.68 -8.38 5.29
N ARG A 33 0.06 -9.36 5.78
CA ARG A 33 -0.33 -9.97 7.05
C ARG A 33 0.92 -10.15 7.86
N GLN A 34 0.82 -9.76 9.14
CA GLN A 34 1.97 -9.71 9.99
C GLN A 34 3.20 -9.45 9.13
N GLY A 35 3.23 -8.27 8.50
CA GLY A 35 4.32 -7.83 7.63
C GLY A 35 4.81 -9.04 6.89
N HIS A 36 4.04 -9.49 5.91
CA HIS A 36 4.48 -10.48 4.96
C HIS A 36 3.60 -10.24 3.77
N ILE A 37 4.20 -10.04 2.63
CA ILE A 37 3.36 -9.61 1.55
C ILE A 37 2.87 -10.82 0.76
N TYR A 38 1.68 -10.66 0.17
CA TYR A 38 1.10 -11.70 -0.65
C TYR A 38 0.37 -11.11 -1.82
N MET A 39 0.57 -11.75 -2.98
CA MET A 39 -0.26 -11.56 -4.14
C MET A 39 -1.30 -12.65 -4.08
N GLU A 40 -2.55 -12.31 -3.71
CA GLU A 40 -3.75 -13.20 -3.76
C GLU A 40 -4.41 -13.22 -5.16
N MET A 41 -4.21 -14.34 -5.87
CA MET A 41 -4.80 -14.51 -7.16
C MET A 41 -5.88 -15.56 -7.13
N ASN A 42 -6.54 -15.67 -8.28
CA ASN A 42 -7.48 -16.75 -8.50
C ASN A 42 -7.51 -17.01 -9.99
N PHE A 43 -7.10 -18.22 -10.34
CA PHE A 43 -7.01 -18.69 -11.71
C PHE A 43 -8.27 -19.41 -12.20
N THR A 44 -8.57 -19.19 -13.47
CA THR A 44 -9.75 -19.75 -14.10
C THR A 44 -9.38 -20.04 -15.55
N ASN A 45 -9.60 -21.32 -15.91
CA ASN A 45 -9.35 -21.85 -17.24
C ASN A 45 -10.71 -21.84 -17.92
N LYS A 46 -10.90 -20.81 -18.74
CA LYS A 46 -12.13 -20.62 -19.41
C LYS A 46 -11.99 -21.24 -20.76
N ALA A 47 -10.81 -21.86 -20.98
CA ALA A 47 -10.46 -22.42 -22.26
C ALA A 47 -10.94 -23.90 -22.41
N LEU A 48 -10.36 -24.66 -23.34
CA LEU A 48 -10.78 -26.02 -23.58
C LEU A 48 -9.57 -26.97 -23.66
N GLN A 49 -8.37 -26.41 -23.52
CA GLN A 49 -7.15 -27.17 -23.32
C GLN A 49 -7.06 -27.41 -21.77
N HIS A 50 -5.97 -28.04 -21.30
CA HIS A 50 -5.60 -27.98 -19.87
C HIS A 50 -4.29 -27.19 -19.69
N MET A 51 -4.02 -26.77 -18.46
CA MET A 51 -2.93 -25.87 -18.20
C MET A 51 -2.00 -26.43 -17.11
N THR A 52 -0.77 -26.69 -17.52
CA THR A 52 0.29 -27.18 -16.67
C THR A 52 1.31 -26.07 -16.83
N ASP A 53 2.50 -26.26 -16.26
CA ASP A 53 3.71 -25.43 -16.50
C ASP A 53 3.50 -23.92 -16.25
N PHE A 54 3.12 -23.64 -15.01
CA PHE A 54 2.78 -22.30 -14.62
C PHE A 54 3.89 -21.68 -13.90
N ALA A 55 4.34 -20.53 -14.37
CA ALA A 55 5.25 -19.69 -13.58
C ALA A 55 4.84 -18.24 -13.75
N ILE A 56 5.22 -17.44 -12.76
CA ILE A 56 4.97 -15.99 -12.83
C ILE A 56 6.26 -15.25 -12.57
N GLN A 57 6.48 -14.23 -13.35
CA GLN A 57 7.69 -13.49 -13.19
C GLN A 57 7.32 -12.02 -13.05
N PHE A 58 8.06 -11.30 -12.22
CA PHE A 58 7.77 -9.89 -11.97
C PHE A 58 8.86 -9.01 -12.58
N ASN A 59 8.46 -7.90 -13.18
CA ASN A 59 9.44 -6.99 -13.73
C ASN A 59 10.06 -6.27 -12.58
N LYS A 60 11.20 -5.64 -12.85
CA LYS A 60 11.82 -4.75 -11.88
C LYS A 60 10.78 -3.71 -11.62
N ASN A 61 10.77 -3.22 -10.40
CA ASN A 61 9.82 -2.22 -10.05
C ASN A 61 10.45 -1.28 -9.06
N SER A 62 9.63 -0.45 -8.41
CA SER A 62 10.16 0.64 -7.64
C SER A 62 10.33 0.34 -6.15
N PHE A 63 9.98 -0.86 -5.73
CA PHE A 63 10.21 -1.23 -4.35
C PHE A 63 10.81 -2.61 -4.26
N GLY A 64 11.63 -2.95 -5.25
CA GLY A 64 12.33 -4.24 -5.31
C GLY A 64 11.43 -5.45 -5.13
N VAL A 65 10.18 -5.32 -5.53
CA VAL A 65 9.18 -6.32 -5.18
C VAL A 65 9.34 -7.56 -6.05
N ILE A 66 9.49 -8.71 -5.42
CA ILE A 66 9.62 -9.98 -6.13
C ILE A 66 8.95 -11.17 -5.42
N PRO A 67 8.50 -12.15 -6.20
CA PRO A 67 8.03 -13.44 -5.72
C PRO A 67 9.14 -14.16 -5.00
N SER A 68 8.77 -14.87 -3.95
CA SER A 68 9.75 -15.45 -3.09
C SER A 68 9.76 -16.96 -3.21
N THR A 69 8.71 -17.51 -3.82
CA THR A 69 8.69 -18.93 -4.18
C THR A 69 8.39 -19.09 -5.67
N PRO A 70 8.73 -20.24 -6.25
CA PRO A 70 7.95 -20.79 -7.37
C PRO A 70 6.45 -20.84 -7.12
N LEU A 71 5.71 -20.50 -8.17
CA LEU A 71 4.28 -20.40 -8.11
C LEU A 71 3.77 -21.68 -7.49
N ALA A 72 2.77 -21.58 -6.63
CA ALA A 72 2.27 -22.79 -5.97
C ALA A 72 1.09 -23.40 -6.72
N ILE A 73 1.38 -24.29 -7.69
CA ILE A 73 0.36 -24.91 -8.61
C ILE A 73 0.90 -26.22 -9.25
N HIS A 74 0.45 -27.35 -8.73
CA HIS A 74 1.09 -28.64 -9.01
C HIS A 74 0.33 -29.50 -9.97
N THR A 75 -1.00 -29.33 -9.95
CA THR A 75 -1.87 -29.99 -10.91
C THR A 75 -2.04 -29.15 -12.21
N PRO A 76 -2.26 -29.85 -13.32
CA PRO A 76 -2.93 -29.22 -14.43
C PRO A 76 -4.18 -28.49 -13.96
N LEU A 77 -4.43 -27.32 -14.58
CA LEU A 77 -5.69 -26.57 -14.42
C LEU A 77 -6.69 -26.91 -15.52
N MET A 78 -7.88 -27.29 -15.03
CA MET A 78 -8.90 -27.94 -15.85
C MET A 78 -9.82 -26.96 -16.52
N PRO A 79 -10.16 -27.23 -17.79
CA PRO A 79 -11.33 -26.61 -18.33
C PRO A 79 -12.30 -26.33 -17.18
N ASN A 80 -12.49 -25.05 -16.88
CA ASN A 80 -13.53 -24.56 -15.94
C ASN A 80 -13.21 -24.47 -14.45
N GLN A 81 -12.22 -25.25 -13.98
CA GLN A 81 -11.67 -25.14 -12.63
C GLN A 81 -11.19 -23.73 -12.33
N SER A 82 -11.72 -23.15 -11.24
CA SER A 82 -11.22 -21.88 -10.70
C SER A 82 -10.62 -22.18 -9.36
N ILE A 83 -9.39 -21.67 -9.13
CA ILE A 83 -8.60 -21.95 -7.93
C ILE A 83 -7.91 -20.69 -7.37
N ASP A 84 -7.79 -20.63 -6.04
CA ASP A 84 -6.99 -19.59 -5.40
C ASP A 84 -5.49 -19.93 -5.29
N VAL A 85 -4.64 -19.00 -5.74
CA VAL A 85 -3.19 -19.04 -5.53
C VAL A 85 -2.84 -18.01 -4.47
N SER A 86 -1.72 -18.20 -3.79
CA SER A 86 -1.16 -17.15 -2.95
C SER A 86 0.30 -16.98 -3.25
N LEU A 87 0.70 -15.83 -3.80
CA LEU A 87 2.13 -15.65 -4.10
C LEU A 87 2.86 -14.81 -3.04
N PRO A 88 3.66 -15.49 -2.20
CA PRO A 88 4.47 -14.75 -1.24
C PRO A 88 5.47 -13.93 -1.99
N LEU A 89 5.70 -12.74 -1.48
CA LEU A 89 6.61 -11.80 -2.08
C LEU A 89 7.52 -11.26 -1.01
N ASN A 90 8.66 -10.74 -1.42
CA ASN A 90 9.46 -9.93 -0.50
C ASN A 90 9.88 -8.77 -1.31
N THR A 91 10.65 -7.91 -0.70
CA THR A 91 11.22 -6.82 -1.42
C THR A 91 12.74 -6.87 -1.49
N LEU A 92 13.38 -8.03 -1.46
CA LEU A 92 14.85 -7.97 -1.66
C LEU A 92 15.26 -8.03 -3.11
N GLY A 93 14.28 -7.81 -3.99
CA GLY A 93 14.46 -7.98 -5.42
C GLY A 93 15.18 -6.80 -6.03
N PRO A 94 15.34 -6.81 -7.38
CA PRO A 94 15.97 -5.66 -8.07
C PRO A 94 14.99 -4.48 -8.21
N VAL A 95 15.50 -3.30 -8.62
CA VAL A 95 14.77 -2.04 -8.56
C VAL A 95 14.94 -1.21 -9.85
N MET A 96 13.84 -0.60 -10.32
CA MET A 96 13.82 0.39 -11.41
CA MET A 96 13.91 0.49 -11.28
C MET A 96 12.70 1.39 -11.12
N LYS A 97 12.98 2.71 -11.22
CA LYS A 97 11.94 3.69 -10.97
C LYS A 97 10.90 3.35 -11.99
N MET A 98 9.76 2.84 -11.54
CA MET A 98 8.61 2.62 -12.39
C MET A 98 7.68 3.85 -12.34
N GLU A 99 6.88 4.01 -13.39
CA GLU A 99 5.83 5.03 -13.41
C GLU A 99 4.57 4.43 -14.04
N PRO A 100 3.42 4.48 -13.31
CA PRO A 100 3.29 4.98 -11.94
C PRO A 100 4.27 4.31 -10.98
N LEU A 101 4.56 4.97 -9.86
CA LEU A 101 5.63 4.52 -8.97
C LEU A 101 5.38 3.13 -8.51
N ASN A 102 4.10 2.77 -8.38
CA ASN A 102 3.59 1.49 -7.82
C ASN A 102 3.02 0.45 -8.84
N ASN A 103 3.53 0.47 -10.08
CA ASN A 103 3.01 -0.42 -11.13
C ASN A 103 3.73 -1.74 -11.21
N LEU A 104 3.01 -2.80 -11.44
CA LEU A 104 3.75 -4.00 -11.56
C LEU A 104 3.50 -4.53 -12.93
N GLN A 105 4.54 -4.53 -13.74
CA GLN A 105 4.49 -5.26 -14.97
C GLN A 105 4.79 -6.72 -14.62
N VAL A 106 4.01 -7.66 -15.17
CA VAL A 106 4.08 -9.08 -14.77
C VAL A 106 4.00 -10.10 -15.91
N ALA A 107 4.99 -11.00 -16.01
CA ALA A 107 4.85 -12.21 -16.89
C ALA A 107 4.30 -13.47 -16.18
N VAL A 108 3.15 -13.96 -16.65
CA VAL A 108 2.64 -15.25 -16.21
C VAL A 108 2.81 -16.13 -17.43
N LYS A 109 3.17 -17.39 -17.19
CA LYS A 109 3.40 -18.36 -18.26
C LYS A 109 2.65 -19.63 -17.94
N ASN A 110 2.38 -20.41 -18.98
CA ASN A 110 1.92 -21.76 -18.81
C ASN A 110 2.32 -22.61 -20.00
N ASN A 111 1.72 -23.78 -20.19
CA ASN A 111 2.02 -24.54 -21.44
C ASN A 111 1.55 -23.81 -22.67
N ILE A 112 0.48 -23.00 -22.57
CA ILE A 112 -0.09 -22.47 -23.82
C ILE A 112 0.78 -21.29 -24.37
N ASP A 113 0.92 -20.21 -23.59
CA ASP A 113 1.84 -19.09 -23.93
C ASP A 113 2.14 -18.28 -22.67
N VAL A 114 2.43 -16.99 -22.86
CA VAL A 114 2.95 -16.07 -21.86
C VAL A 114 2.04 -14.90 -21.99
N PHE A 115 1.58 -14.35 -20.87
CA PHE A 115 0.67 -13.26 -20.94
C PHE A 115 1.16 -12.13 -20.06
N TYR A 116 1.31 -10.95 -20.64
CA TYR A 116 1.81 -9.84 -19.85
C TYR A 116 0.61 -9.00 -19.55
N PHE A 117 0.58 -8.44 -18.35
CA PHE A 117 -0.58 -7.76 -17.81
C PHE A 117 -0.12 -6.75 -16.75
N SER A 118 -0.99 -5.80 -16.41
CA SER A 118 -0.55 -4.97 -15.36
C SER A 118 -1.52 -4.65 -14.25
N CYS A 119 -0.94 -4.57 -13.05
CA CYS A 119 -1.62 -4.42 -11.82
C CYS A 119 -0.87 -3.35 -10.98
N LEU A 120 -1.59 -2.61 -10.14
CA LEU A 120 -0.96 -1.66 -9.22
C LEU A 120 -0.81 -2.19 -7.81
N ILE A 121 0.40 -2.10 -7.27
CA ILE A 121 0.57 -2.46 -5.88
C ILE A 121 -0.08 -1.37 -5.05
N PRO A 122 -1.05 -1.71 -4.17
CA PRO A 122 -1.49 -0.65 -3.27
C PRO A 122 -0.39 -0.49 -2.21
N LEU A 123 0.07 0.74 -2.00
CA LEU A 123 1.24 0.92 -1.16
C LEU A 123 1.01 0.47 0.23
N ASN A 124 -0.24 0.44 0.65
CA ASN A 124 -0.49 0.22 2.07
C ASN A 124 0.15 -1.09 2.57
N VAL A 125 0.09 -2.08 1.70
CA VAL A 125 0.69 -3.37 1.93
C VAL A 125 2.23 -3.34 1.92
N LEU A 126 2.81 -2.16 1.71
CA LEU A 126 4.25 -1.95 1.91
C LEU A 126 4.60 -1.25 3.24
N PHE A 127 3.61 -1.07 4.10
CA PHE A 127 3.85 -0.41 5.37
C PHE A 127 4.43 -1.46 6.28
N VAL A 128 5.66 -1.31 6.76
CA VAL A 128 6.23 -2.33 7.67
C VAL A 128 5.45 -2.33 8.97
N GLU A 129 5.76 -3.26 9.87
CA GLU A 129 5.21 -3.15 11.21
C GLU A 129 6.01 -2.25 12.17
N ASP A 130 7.33 -2.20 12.12
CA ASP A 130 7.99 -1.20 12.99
CA ASP A 130 8.07 -1.27 12.93
C ASP A 130 8.09 0.17 12.34
N GLY A 131 6.92 0.72 11.96
CA GLY A 131 6.86 2.10 11.50
C GLY A 131 6.38 3.15 12.52
N LYS A 132 6.42 2.89 13.81
CA LYS A 132 5.93 3.93 14.70
C LYS A 132 7.06 4.70 15.35
N MET A 133 7.12 5.99 15.05
CA MET A 133 8.32 6.70 15.34
C MET A 133 8.41 6.89 16.78
N GLU A 134 9.58 6.62 17.33
CA GLU A 134 9.83 7.08 18.69
C GLU A 134 9.52 8.56 18.71
N ARG A 135 8.77 8.97 19.72
CA ARG A 135 8.20 10.33 19.88
C ARG A 135 9.21 11.51 19.73
N GLN A 136 10.40 11.44 20.37
CA GLN A 136 11.50 12.44 20.17
C GLN A 136 11.72 12.51 18.70
N VAL A 137 11.65 11.32 18.13
CA VAL A 137 12.21 11.12 16.84
C VAL A 137 11.26 11.70 15.85
N PHE A 138 9.98 11.79 16.22
CA PHE A 138 9.00 12.28 15.27
C PHE A 138 9.10 13.77 15.22
N LEU A 139 9.40 14.38 16.36
CA LEU A 139 9.33 15.82 16.44
C LEU A 139 10.54 16.41 15.70
N ALA A 140 11.73 16.02 16.15
CA ALA A 140 13.00 16.40 15.50
C ALA A 140 13.01 16.23 14.01
N THR A 141 12.59 15.05 13.53
CA THR A 141 12.36 14.79 12.11
C THR A 141 11.37 15.82 11.52
N TRP A 142 10.29 16.14 12.22
CA TRP A 142 9.23 16.92 11.61
C TRP A 142 9.75 18.29 11.25
N LYS A 143 10.63 18.82 12.07
CA LYS A 143 11.02 20.20 11.94
C LYS A 143 12.18 20.24 10.99
N ASP A 144 13.00 19.18 11.06
CA ASP A 144 14.10 18.83 10.12
C ASP A 144 13.72 18.98 8.60
N ILE A 145 12.93 18.03 8.10
CA ILE A 145 12.36 18.06 6.73
C ILE A 145 11.72 19.40 6.34
N PRO A 146 12.28 20.08 5.33
CA PRO A 146 11.93 21.48 5.21
C PRO A 146 10.49 21.60 4.71
N ASN A 147 9.69 22.47 5.32
CA ASN A 147 8.30 22.70 4.88
C ASN A 147 8.11 22.84 3.36
N GLU A 148 9.07 23.46 2.67
CA GLU A 148 9.18 23.24 1.20
C GLU A 148 8.77 21.85 0.80
N ASN A 149 9.06 20.89 1.68
CA ASN A 149 8.94 19.43 1.46
C ASN A 149 7.63 18.77 1.94
N GLU A 150 6.67 19.61 2.35
CA GLU A 150 5.40 19.17 2.86
C GLU A 150 4.30 19.30 1.82
N LEU A 151 3.65 18.17 1.53
CA LEU A 151 2.44 18.13 0.71
C LEU A 151 1.18 18.03 1.58
N GLN A 152 0.07 18.49 1.05
CA GLN A 152 -1.17 18.57 1.83
C GLN A 152 -2.27 17.98 1.00
N PHE A 153 -3.08 17.10 1.58
CA PHE A 153 -4.19 16.49 0.80
C PHE A 153 -5.50 16.70 1.51
N GLN A 154 -6.59 16.58 0.79
CA GLN A 154 -7.89 16.90 1.31
C GLN A 154 -8.72 15.66 1.27
N ILE A 155 -8.84 14.99 2.40
CA ILE A 155 -9.64 13.79 2.46
C ILE A 155 -11.12 14.20 2.38
N LYS A 156 -11.47 14.47 1.12
CA LYS A 156 -12.82 14.73 0.61
C LYS A 156 -13.81 13.81 1.29
N GLU A 157 -14.86 14.40 1.85
CA GLU A 157 -15.88 13.61 2.50
C GLU A 157 -15.26 12.44 3.29
N CYS A 158 -14.73 12.75 4.47
CA CYS A 158 -14.61 11.72 5.48
C CYS A 158 -15.04 12.31 6.77
N HIS A 159 -15.67 11.46 7.61
CA HIS A 159 -16.48 11.90 8.74
C HIS A 159 -16.22 11.11 10.01
N LEU A 160 -15.39 10.06 9.92
CA LEU A 160 -15.15 9.16 11.01
C LEU A 160 -14.23 9.81 12.05
N ASN A 161 -14.59 9.64 13.33
CA ASN A 161 -13.90 10.19 14.52
C ASN A 161 -12.39 10.24 14.69
N ALA A 162 -11.90 11.24 15.39
CA ALA A 162 -10.62 11.13 16.03
C ALA A 162 -10.29 9.65 16.31
N ASP A 163 -11.16 8.96 17.07
CA ASP A 163 -10.94 7.55 17.51
C ASP A 163 -11.07 6.46 16.43
N THR A 164 -11.90 6.72 15.44
CA THR A 164 -12.01 5.74 14.42
C THR A 164 -10.86 5.92 13.48
N VAL A 165 -10.49 7.16 13.20
CA VAL A 165 -9.33 7.33 12.35
C VAL A 165 -8.11 6.61 12.90
N SER A 166 -7.61 6.95 14.07
CA SER A 166 -6.39 6.27 14.51
C SER A 166 -6.32 4.75 14.33
N SER A 167 -7.44 4.08 14.61
CA SER A 167 -7.55 2.61 14.64
C SER A 167 -7.52 1.88 13.25
N LYS A 168 -8.20 2.47 12.26
CA LYS A 168 -8.03 1.95 10.92
C LYS A 168 -6.56 2.13 10.54
N LEU A 169 -6.03 3.34 10.61
CA LEU A 169 -4.66 3.53 10.12
C LEU A 169 -3.70 2.58 10.81
N GLN A 170 -4.00 2.27 12.07
CA GLN A 170 -3.29 1.29 12.92
C GLN A 170 -3.22 -0.15 12.34
N ASN A 171 -4.29 -0.63 11.68
CA ASN A 171 -4.38 -2.00 11.10
C ASN A 171 -3.59 -2.06 9.85
N ASN A 172 -3.57 -0.90 9.21
CA ASN A 172 -2.85 -0.67 8.01
C ASN A 172 -1.51 0.00 8.29
N ASN A 173 -1.11 -0.01 9.56
CA ASN A 173 0.21 0.38 10.06
C ASN A 173 0.48 1.83 9.89
N VAL A 174 -0.53 2.68 10.01
CA VAL A 174 -0.27 4.12 10.25
C VAL A 174 -0.55 4.39 11.72
N TYR A 175 0.47 4.80 12.45
CA TYR A 175 0.43 4.77 13.89
C TYR A 175 0.27 6.14 14.38
N THR A 176 -0.68 6.36 15.28
CA THR A 176 -0.88 7.70 15.79
C THR A 176 0.12 8.00 16.90
N ILE A 177 0.91 9.08 16.77
CA ILE A 177 1.93 9.46 17.79
C ILE A 177 1.28 10.41 18.80
N ALA A 178 0.47 11.33 18.28
CA ALA A 178 -0.23 12.18 19.20
C ALA A 178 -1.50 12.70 18.55
N LYS A 179 -2.42 13.05 19.45
CA LYS A 179 -3.70 13.59 19.11
C LYS A 179 -3.85 14.75 20.06
N ARG A 180 -3.95 15.93 19.48
CA ARG A 180 -4.04 17.16 20.23
C ARG A 180 -5.28 17.82 19.70
N ASN A 181 -5.87 18.67 20.53
CA ASN A 181 -6.95 19.50 20.04
C ASN A 181 -6.55 20.97 20.21
N VAL A 182 -6.85 21.84 19.22
CA VAL A 182 -6.52 23.27 19.29
C VAL A 182 -7.61 23.98 18.51
N GLU A 183 -8.11 25.13 19.00
CA GLU A 183 -9.38 25.79 18.57
C GLU A 183 -10.48 24.80 18.13
N GLY A 184 -10.73 23.73 18.89
CA GLY A 184 -11.74 22.74 18.47
C GLY A 184 -11.29 21.68 17.48
N GLN A 185 -10.21 21.89 16.73
CA GLN A 185 -9.82 20.91 15.71
C GLN A 185 -8.86 19.82 16.24
N ASP A 186 -9.14 18.54 16.00
CA ASP A 186 -8.25 17.50 16.50
C ASP A 186 -7.17 17.31 15.54
N MET A 187 -5.94 17.02 16.00
CA MET A 187 -4.86 16.79 15.00
C MET A 187 -3.95 15.61 15.17
N LEU A 188 -4.31 14.53 14.51
CA LEU A 188 -3.65 13.29 14.74
C LEU A 188 -2.21 13.33 14.18
N TYR A 189 -1.21 13.15 15.04
CA TYR A 189 0.16 13.09 14.56
C TYR A 189 0.65 11.71 14.32
N GLN A 190 0.95 11.38 13.07
CA GLN A 190 1.16 10.00 12.72
C GLN A 190 2.29 9.62 11.77
N SER A 191 2.76 8.39 11.91
CA SER A 191 3.93 7.92 11.19
C SER A 191 3.75 6.54 10.59
N LEU A 192 4.32 6.39 9.40
CA LEU A 192 4.39 5.08 8.76
C LEU A 192 5.72 4.95 7.99
N LYS A 193 5.98 3.77 7.48
CA LYS A 193 7.27 3.54 6.90
C LYS A 193 7.22 2.44 5.89
N LEU A 194 7.93 2.70 4.80
CA LEU A 194 7.94 1.89 3.63
C LEU A 194 8.88 0.74 3.74
N THR A 195 8.62 -0.34 3.00
CA THR A 195 9.40 -1.58 3.15
C THR A 195 10.81 -1.30 2.74
N ASN A 196 11.01 -0.21 2.06
CA ASN A 196 12.30 0.02 1.50
C ASN A 196 13.07 1.01 2.37
N GLY A 197 12.34 1.48 3.40
CA GLY A 197 12.92 2.21 4.54
C GLY A 197 12.44 3.63 4.75
N ILE A 198 11.69 4.19 3.80
CA ILE A 198 11.36 5.61 3.82
C ILE A 198 10.35 5.89 4.90
N TRP A 199 10.52 7.00 5.60
CA TRP A 199 9.49 7.40 6.52
C TRP A 199 8.50 8.27 5.84
N ILE A 200 7.23 8.10 6.21
CA ILE A 200 6.27 9.17 5.95
C ILE A 200 5.81 9.65 7.29
N LEU A 201 5.70 10.96 7.44
CA LEU A 201 5.14 11.54 8.64
C LEU A 201 3.88 12.29 8.22
N ALA A 202 2.85 12.29 9.08
CA ALA A 202 1.57 12.88 8.70
C ALA A 202 1.06 13.65 9.84
N GLU A 203 0.29 14.68 9.55
CA GLU A 203 -0.54 15.32 10.57
C GLU A 203 -1.99 15.28 10.01
N LEU A 204 -2.90 14.54 10.60
CA LEU A 204 -4.22 14.61 10.03
C LEU A 204 -4.93 15.60 10.84
N ARG A 205 -5.63 16.49 10.19
CA ARG A 205 -6.38 17.47 10.96
C ARG A 205 -7.90 17.35 10.73
N ILE A 206 -8.65 17.16 11.81
CA ILE A 206 -10.09 16.89 11.69
C ILE A 206 -10.90 18.07 12.21
N GLN A 207 -11.78 18.66 11.41
CA GLN A 207 -12.60 19.82 11.94
C GLN A 207 -13.96 19.53 12.59
N PRO A 208 -14.46 20.46 13.43
CA PRO A 208 -15.86 20.46 13.80
C PRO A 208 -16.68 20.94 12.60
N GLY A 209 -17.66 20.10 12.20
CA GLY A 209 -18.33 20.25 10.90
C GLY A 209 -17.48 19.76 9.70
N ASN A 210 -16.81 20.73 9.05
CA ASN A 210 -16.09 20.58 7.75
C ASN A 210 -16.01 19.15 7.18
N PRO A 211 -16.65 18.90 6.02
CA PRO A 211 -16.67 17.49 5.55
C PRO A 211 -15.28 16.88 5.17
N ASN A 212 -14.28 17.73 4.88
CA ASN A 212 -12.95 17.26 4.49
C ASN A 212 -11.99 17.15 5.70
N TYR A 213 -10.83 16.58 5.43
CA TYR A 213 -9.90 16.21 6.47
C TYR A 213 -8.59 16.54 5.87
N THR A 214 -7.95 17.59 6.35
CA THR A 214 -6.70 18.03 5.77
C THR A 214 -5.62 17.03 6.15
N LEU A 215 -5.00 16.38 5.18
CA LEU A 215 -3.83 15.48 5.42
C LEU A 215 -2.54 16.18 4.98
N SER A 216 -1.54 16.20 5.86
CA SER A 216 -0.27 16.78 5.57
C SER A 216 0.73 15.69 5.76
N LEU A 217 1.64 15.56 4.77
CA LEU A 217 2.72 14.53 4.74
C LEU A 217 4.00 15.25 4.65
N LYS A 218 4.92 14.80 5.48
CA LYS A 218 6.30 15.15 5.35
C LYS A 218 7.08 13.84 5.15
N CYS A 219 8.10 13.90 4.30
CA CYS A 219 8.68 12.69 3.75
C CYS A 219 9.99 13.01 3.06
N ARG A 220 11.01 12.17 3.25
CA ARG A 220 12.35 12.40 2.68
C ARG A 220 12.37 12.32 1.14
N ALA A 221 11.54 11.41 0.61
CA ALA A 221 11.16 11.41 -0.83
C ALA A 221 9.63 11.57 -1.09
N PRO A 222 9.13 12.82 -1.35
CA PRO A 222 7.74 13.30 -1.42
C PRO A 222 6.88 12.88 -2.58
N GLU A 223 7.44 12.04 -3.44
CA GLU A 223 6.77 11.58 -4.66
C GLU A 223 5.85 10.45 -4.24
N VAL A 224 6.27 9.88 -3.11
CA VAL A 224 5.56 8.83 -2.40
C VAL A 224 4.26 9.32 -1.84
N SER A 225 4.27 10.59 -1.41
CA SER A 225 3.20 11.16 -0.60
C SER A 225 1.84 11.09 -1.30
N GLN A 226 1.84 11.43 -2.57
CA GLN A 226 0.60 11.42 -3.28
C GLN A 226 -0.03 10.04 -3.18
N TYR A 227 0.77 9.00 -2.95
CA TYR A 227 0.19 7.67 -2.97
C TYR A 227 -0.36 7.34 -1.60
N ILE A 228 0.29 7.88 -0.58
CA ILE A 228 -0.08 7.66 0.81
C ILE A 228 -1.43 8.31 0.95
N TYR A 229 -1.55 9.54 0.53
CA TYR A 229 -2.88 10.11 0.38
C TYR A 229 -3.91 9.09 -0.15
N GLN A 230 -3.69 8.72 -1.39
CA GLN A 230 -4.59 7.83 -2.04
C GLN A 230 -5.17 6.66 -1.21
N VAL A 231 -4.37 6.16 -0.29
CA VAL A 231 -4.69 4.90 0.33
C VAL A 231 -4.99 5.08 1.81
N TYR A 232 -4.66 6.24 2.33
CA TYR A 232 -5.28 6.71 3.52
C TYR A 232 -6.73 6.92 3.09
N ASP A 233 -6.91 7.63 1.99
CA ASP A 233 -8.25 7.81 1.47
C ASP A 233 -9.00 6.50 1.45
N SER A 234 -8.55 5.54 0.64
CA SER A 234 -9.24 4.30 0.48
C SER A 234 -9.60 3.71 1.82
N ILE A 235 -8.63 3.55 2.70
CA ILE A 235 -8.93 3.10 4.06
C ILE A 235 -10.15 3.84 4.65
N LEU A 236 -10.01 5.14 4.82
CA LEU A 236 -11.03 5.96 5.48
C LEU A 236 -12.42 5.93 4.82
N LYS A 237 -12.45 5.62 3.53
CA LYS A 237 -13.70 5.41 2.86
C LYS A 237 -14.24 4.02 3.14
N ASN A 238 -13.35 3.01 3.12
CA ASN A 238 -13.70 1.57 3.31
C ASN A 238 -13.39 0.91 4.68
N ASP B 1 8.91 18.22 28.99
CA ASP B 1 9.62 17.42 27.95
C ASP B 1 8.80 17.23 26.65
N ASP B 2 8.27 16.01 26.46
CA ASP B 2 7.79 15.50 25.13
C ASP B 2 6.36 15.83 24.78
N ASP B 3 5.47 15.52 25.71
CA ASP B 3 4.09 16.00 25.77
C ASP B 3 3.97 17.36 25.24
N ILE B 4 4.78 18.26 25.82
CA ILE B 4 4.69 19.73 25.68
C ILE B 4 4.96 20.14 24.27
N VAL B 5 6.05 19.62 23.75
CA VAL B 5 6.43 19.98 22.42
C VAL B 5 5.33 19.65 21.45
N PHE B 6 4.59 18.57 21.66
CA PHE B 6 3.54 18.22 20.73
C PHE B 6 2.41 19.19 20.75
N GLU B 7 2.03 19.64 21.96
CA GLU B 7 1.06 20.73 22.04
C GLU B 7 1.70 21.99 21.45
N ASP B 8 2.88 22.38 21.95
CA ASP B 8 3.74 23.49 21.42
C ASP B 8 3.52 23.53 19.94
N PHE B 9 3.93 22.44 19.34
CA PHE B 9 4.10 22.33 17.94
C PHE B 9 2.82 22.08 17.09
N ALA B 10 1.82 21.38 17.63
CA ALA B 10 0.45 21.49 17.12
C ALA B 10 -0.06 22.97 17.10
N ARG B 11 -0.15 23.60 18.28
CA ARG B 11 -0.73 24.96 18.43
C ARG B 11 -0.21 25.84 17.33
N GLN B 12 1.11 25.87 17.24
CA GLN B 12 1.86 26.59 16.20
C GLN B 12 1.38 26.37 14.76
N ARG B 13 1.05 25.11 14.41
CA ARG B 13 0.61 24.74 13.06
C ARG B 13 -0.91 24.82 13.06
N LEU B 14 -1.42 25.42 14.13
CA LEU B 14 -2.67 26.15 14.07
C LEU B 14 -2.42 27.62 14.49
N ILE C 4 13.64 -15.51 -18.26
CA ILE C 4 14.12 -14.17 -17.67
C ILE C 4 13.68 -13.19 -18.72
N VAL C 5 12.69 -12.38 -18.33
CA VAL C 5 11.62 -12.12 -19.28
C VAL C 5 11.33 -10.65 -19.41
N PHE C 6 12.26 -9.85 -18.92
CA PHE C 6 12.23 -8.41 -19.12
C PHE C 6 13.67 -7.95 -19.34
#